data_3SX9
#
_entry.id   3SX9
#
_cell.length_a   48.281
_cell.length_b   72.475
_cell.length_c   67.267
_cell.angle_alpha   90.000
_cell.angle_beta   103.810
_cell.angle_gamma   90.000
#
_symmetry.space_group_name_H-M   'P 1 21 1'
#
loop_
_entity.id
_entity.type
_entity.pdbx_description
1 polymer 'Calmodulin-domain protein kinase 1'
2 non-polymer 3-(6-ethoxynaphthalen-2-yl)-1-(piperidin-4-ylmethyl)-1H-pyrazolo[3,4-d]pyrimidin-4-amine
3 water water
#
_entity_poly.entity_id   1
_entity_poly.type   'polypeptide(L)'
_entity_poly.pdbx_seq_one_letter_code
;GPGSMMDHLHATPGMFVQHSTAIFSDRYKGQRVLGKGSFGEVILCKDKITGQECAVKVISKRQVKQKTDKESLLREVQLL
KQLDHPNIMKLYEFFEDKGYFYLVGEVYTGGELFDEIISRKRFSEVDAARIIRQVLSGITYMHKNKIVHRDLKPENLLLE
SKSKDANIRIIDFGLSTHFEASKKMKDKIGTAYYIAPEVLHGTYDEKCDVWSTGVILYILLSGCPPFNGANEYDILKKVE
KGKYTFELPQWKKVSESAKDLIRKMLTYVPSMRISARDALDHEWIQTYTKEQISVDVPSLDNAILNIRQFQGTQKLAQAA
LLYMGSKLTSQDETKELTAIFHKMDKNGDGQLDRAELIEGYKELMRMKGQDASMLDASAVEHEVDQVLDAVDFDKNGYIE
YSEFVTVAMDRKTLLSRERLERAFRMFDSDNSGKISSTELATIFGVSDVDSETWKSVLSEVDKNNDGEVDFDEFQQMLLK
LCGN
;
_entity_poly.pdbx_strand_id   A
#
loop_
_chem_comp.id
_chem_comp.type
_chem_comp.name
_chem_comp.formula
BK7 non-polymer 3-(6-ethoxynaphthalen-2-yl)-1-(piperidin-4-ylmethyl)-1H-pyrazolo[3,4-d]pyrimidin-4-amine 'C23 H26 N6 O'
#
# COMPACT_ATOMS: atom_id res chain seq x y z
N HIS A 19 -11.72 -19.50 32.02
CA HIS A 19 -11.03 -18.41 31.27
C HIS A 19 -11.22 -18.55 29.76
N SER A 20 -11.52 -17.44 29.10
CA SER A 20 -11.92 -17.43 27.68
C SER A 20 -10.92 -16.69 26.78
N THR A 21 -10.76 -17.20 25.56
CA THR A 21 -9.92 -16.54 24.56
C THR A 21 -10.63 -15.32 23.97
N ALA A 22 -9.95 -14.18 23.98
CA ALA A 22 -10.53 -12.90 23.56
C ALA A 22 -10.91 -12.86 22.08
N ILE A 23 -12.13 -12.43 21.80
CA ILE A 23 -12.63 -12.36 20.43
C ILE A 23 -12.65 -10.92 19.92
N PHE A 24 -12.03 -10.72 18.76
CA PHE A 24 -11.86 -9.39 18.17
C PHE A 24 -13.19 -8.65 18.00
N SER A 25 -14.09 -9.26 17.24
CA SER A 25 -15.38 -8.66 16.88
C SER A 25 -16.32 -8.41 18.06
N ASP A 26 -16.05 -9.07 19.19
CA ASP A 26 -16.80 -8.82 20.43
C ASP A 26 -16.46 -7.44 20.98
N ARG A 27 -15.29 -6.94 20.62
CA ARG A 27 -14.80 -5.64 21.09
C ARG A 27 -14.94 -4.54 20.04
N TYR A 28 -14.68 -4.88 18.78
CA TYR A 28 -14.63 -3.89 17.71
C TYR A 28 -15.68 -4.07 16.62
N LYS A 29 -16.17 -2.94 16.11
CA LYS A 29 -17.00 -2.88 14.88
C LYS A 29 -16.28 -2.14 13.75
N GLY A 30 -16.41 -2.64 12.53
CA GLY A 30 -15.81 -2.02 11.36
C GLY A 30 -16.60 -0.81 10.86
N GLN A 31 -15.90 0.32 10.75
CA GLN A 31 -16.48 1.57 10.26
C GLN A 31 -16.41 1.61 8.75
N ARG A 32 -15.22 1.31 8.24
CA ARG A 32 -14.90 1.40 6.80
C ARG A 32 -13.48 0.92 6.50
N VAL A 33 -13.19 0.75 5.22
CA VAL A 33 -11.85 0.34 4.79
C VAL A 33 -10.94 1.56 4.64
N LEU A 34 -9.80 1.52 5.32
CA LEU A 34 -8.80 2.60 5.22
C LEU A 34 -7.92 2.39 4.00
N GLY A 35 -7.71 1.12 3.65
CA GLY A 35 -6.98 0.75 2.45
C GLY A 35 -6.25 -0.58 2.51
N LYS A 36 -5.42 -0.80 1.50
CA LYS A 36 -4.62 -2.01 1.39
C LYS A 36 -3.19 -1.72 1.79
N GLY A 37 -2.65 -2.55 2.66
CA GLY A 37 -1.25 -2.48 3.05
C GLY A 37 -0.58 -3.82 2.90
N SER A 38 0.71 -3.87 3.24
CA SER A 38 1.45 -5.13 3.25
C SER A 38 0.78 -6.10 4.22
N PHE A 39 0.64 -7.34 3.74
CA PHE A 39 0.21 -8.49 4.56
C PHE A 39 -1.30 -8.60 4.82
N GLY A 40 -2.04 -7.52 4.57
CA GLY A 40 -3.48 -7.56 4.72
C GLY A 40 -4.22 -6.26 4.48
N GLU A 41 -5.54 -6.34 4.63
CA GLU A 41 -6.41 -5.17 4.53
C GLU A 41 -6.35 -4.41 5.85
N VAL A 42 -6.42 -3.09 5.76
CA VAL A 42 -6.55 -2.26 6.94
C VAL A 42 -7.96 -1.70 7.06
N ILE A 43 -8.58 -1.97 8.19
CA ILE A 43 -9.97 -1.58 8.45
C ILE A 43 -10.03 -0.59 9.59
N LEU A 44 -10.71 0.54 9.36
CA LEU A 44 -11.03 1.49 10.43
C LEU A 44 -12.08 0.86 11.32
N CYS A 45 -11.77 0.78 12.60
CA CYS A 45 -12.69 0.19 13.57
C CYS A 45 -12.90 1.05 14.80
N LYS A 46 -13.95 0.69 15.52
CA LYS A 46 -14.40 1.42 16.68
C LYS A 46 -14.73 0.46 17.80
N ASP A 47 -14.22 0.79 18.99
CA ASP A 47 -14.50 0.05 20.20
C ASP A 47 -15.99 0.17 20.53
N LYS A 48 -16.65 -0.96 20.71
CA LYS A 48 -18.11 -1.00 20.90
C LYS A 48 -18.57 -0.35 22.22
N ILE A 49 -17.65 -0.20 23.16
CA ILE A 49 -17.95 0.39 24.47
C ILE A 49 -17.42 1.83 24.62
N THR A 50 -16.12 2.00 24.38
CA THR A 50 -15.44 3.26 24.64
C THR A 50 -15.52 4.22 23.47
N GLY A 51 -15.82 3.69 22.28
CA GLY A 51 -15.91 4.48 21.06
C GLY A 51 -14.57 4.86 20.46
N GLN A 52 -13.48 4.35 21.04
CA GLN A 52 -12.13 4.63 20.54
C GLN A 52 -11.97 4.09 19.13
N GLU A 53 -11.47 4.95 18.24
CA GLU A 53 -11.21 4.57 16.87
C GLU A 53 -9.80 4.02 16.69
N CYS A 54 -9.70 2.95 15.91
CA CYS A 54 -8.41 2.31 15.65
CA CYS A 54 -8.43 2.28 15.65
C CYS A 54 -8.31 1.82 14.21
N ALA A 55 -7.06 1.73 13.74
CA ALA A 55 -6.74 1.24 12.40
C ALA A 55 -6.27 -0.21 12.52
N VAL A 56 -7.11 -1.14 12.09
CA VAL A 56 -6.83 -2.57 12.29
C VAL A 56 -6.34 -3.25 11.02
N LYS A 57 -5.07 -3.65 11.02
CA LYS A 57 -4.54 -4.45 9.92
C LYS A 57 -4.95 -5.91 10.10
N VAL A 58 -5.57 -6.46 9.07
CA VAL A 58 -6.08 -7.83 9.12
C VAL A 58 -5.29 -8.73 8.19
N ILE A 59 -4.48 -9.60 8.80
CA ILE A 59 -3.60 -10.52 8.05
C ILE A 59 -4.23 -11.90 7.89
N SER A 60 -4.52 -12.25 6.64
CA SER A 60 -5.16 -13.52 6.29
C SER A 60 -4.17 -14.67 6.31
N LYS A 61 -4.42 -15.64 7.20
CA LYS A 61 -3.50 -16.79 7.38
C LYS A 61 -3.35 -17.63 6.12
N ARG A 62 -4.37 -17.62 5.27
CA ARG A 62 -4.36 -18.37 4.00
C ARG A 62 -3.46 -17.70 2.96
N GLN A 63 -3.45 -16.37 2.97
CA GLN A 63 -2.71 -15.59 1.96
C GLN A 63 -1.26 -15.37 2.39
N VAL A 64 -1.03 -15.35 3.71
CA VAL A 64 0.30 -15.06 4.27
C VAL A 64 0.79 -16.14 5.24
N LYS A 65 1.98 -16.66 4.94
CA LYS A 65 2.60 -17.69 5.76
C LYS A 65 3.47 -17.06 6.84
N GLN A 66 3.51 -17.71 7.99
CA GLN A 66 4.34 -17.27 9.10
C GLN A 66 5.76 -17.78 8.92
N LYS A 67 6.72 -16.93 9.30
CA LYS A 67 8.14 -17.28 9.24
C LYS A 67 8.64 -17.83 10.58
N THR A 68 8.06 -17.33 11.66
CA THR A 68 8.42 -17.72 13.03
C THR A 68 7.36 -18.62 13.65
N ASP A 69 7.60 -19.07 14.88
CA ASP A 69 6.58 -19.80 15.66
C ASP A 69 5.65 -18.87 16.43
N LYS A 70 4.67 -19.49 17.10
CA LYS A 70 3.71 -18.78 17.94
C LYS A 70 4.38 -17.98 19.05
N GLU A 71 5.24 -18.67 19.80
CA GLU A 71 5.90 -18.09 20.98
C GLU A 71 6.66 -16.81 20.66
N SER A 72 7.37 -16.85 19.53
CA SER A 72 8.20 -15.72 19.08
C SER A 72 7.36 -14.51 18.68
N LEU A 73 6.26 -14.77 17.99
CA LEU A 73 5.30 -13.73 17.58
C LEU A 73 4.65 -13.03 18.77
N LEU A 74 4.07 -13.81 19.66
CA LEU A 74 3.38 -13.30 20.86
C LEU A 74 4.27 -12.40 21.70
N ARG A 75 5.55 -12.75 21.75
CA ARG A 75 6.55 -12.01 22.52
C ARG A 75 6.84 -10.66 21.88
N GLU A 76 6.95 -10.67 20.55
CA GLU A 76 7.19 -9.46 19.76
C GLU A 76 6.04 -8.47 19.90
N VAL A 77 4.81 -8.98 19.76
CA VAL A 77 3.60 -8.20 19.98
C VAL A 77 3.62 -7.55 21.36
N GLN A 78 3.89 -8.37 22.37
CA GLN A 78 3.90 -7.93 23.78
C GLN A 78 4.86 -6.76 23.98
N LEU A 79 6.01 -6.87 23.33
CA LEU A 79 7.05 -5.84 23.38
C LEU A 79 6.58 -4.58 22.65
N LEU A 80 6.11 -4.76 21.42
CA LEU A 80 5.64 -3.63 20.57
C LEU A 80 4.56 -2.79 21.24
N LYS A 81 3.72 -3.43 22.04
CA LYS A 81 2.64 -2.75 22.76
C LYS A 81 3.18 -1.78 23.81
N GLN A 82 4.37 -2.07 24.31
CA GLN A 82 4.98 -1.30 25.38
C GLN A 82 5.91 -0.21 24.89
N LEU A 83 6.24 -0.25 23.59
CA LEU A 83 7.13 0.75 23.01
C LEU A 83 6.35 2.03 22.70
N ASP A 84 7.06 3.15 22.69
CA ASP A 84 6.43 4.47 22.50
CA ASP A 84 6.43 4.48 22.52
C ASP A 84 7.43 5.47 21.92
N HIS A 85 7.08 6.01 20.76
CA HIS A 85 7.89 7.02 20.09
C HIS A 85 7.02 7.80 19.09
N PRO A 86 7.17 9.12 19.05
CA PRO A 86 6.28 9.98 18.21
C PRO A 86 6.31 9.69 16.71
N ASN A 87 7.36 9.03 16.24
CA ASN A 87 7.49 8.72 14.83
C ASN A 87 7.21 7.25 14.53
N ILE A 88 6.74 6.52 15.53
CA ILE A 88 6.38 5.10 15.34
C ILE A 88 4.89 4.87 15.61
N MET A 89 4.27 4.06 14.75
CA MET A 89 2.88 3.70 14.94
C MET A 89 2.65 3.06 16.29
N LYS A 90 1.61 3.54 16.97
CA LYS A 90 1.21 2.98 18.25
C LYS A 90 0.36 1.74 18.04
N LEU A 91 0.71 0.68 18.77
CA LEU A 91 0.00 -0.59 18.74
C LEU A 91 -0.68 -0.85 20.09
N TYR A 92 -1.98 -1.11 20.03
CA TYR A 92 -2.80 -1.22 21.25
C TYR A 92 -3.08 -2.66 21.64
N GLU A 93 -3.48 -3.46 20.66
CA GLU A 93 -3.97 -4.82 20.92
C GLU A 93 -3.63 -5.80 19.82
N PHE A 94 -3.73 -7.09 20.15
CA PHE A 94 -3.51 -8.17 19.21
C PHE A 94 -4.51 -9.29 19.44
N PHE A 95 -5.13 -9.72 18.36
CA PHE A 95 -6.08 -10.83 18.39
C PHE A 95 -5.74 -11.85 17.34
N GLU A 96 -6.23 -13.06 17.59
CA GLU A 96 -6.02 -14.17 16.69
C GLU A 96 -7.18 -15.13 16.73
N ASP A 97 -7.51 -15.67 15.57
CA ASP A 97 -8.54 -16.70 15.46
C ASP A 97 -8.08 -17.74 14.45
N LYS A 98 -9.01 -18.58 14.02
CA LYS A 98 -8.67 -19.70 13.14
C LYS A 98 -8.04 -19.23 11.83
N GLY A 99 -8.68 -18.24 11.20
CA GLY A 99 -8.27 -17.79 9.86
C GLY A 99 -7.53 -16.47 9.76
N TYR A 100 -7.39 -15.75 10.87
CA TYR A 100 -6.78 -14.41 10.83
C TYR A 100 -6.01 -13.99 12.09
N PHE A 101 -5.12 -13.02 11.89
CA PHE A 101 -4.54 -12.21 12.96
C PHE A 101 -5.13 -10.82 12.87
N TYR A 102 -5.30 -10.16 14.00
CA TYR A 102 -5.80 -8.77 14.01
C TYR A 102 -4.88 -7.85 14.78
N LEU A 103 -4.23 -6.97 14.04
CA LEU A 103 -3.31 -6.00 14.61
C LEU A 103 -3.98 -4.64 14.76
N VAL A 104 -4.27 -4.27 16.01
CA VAL A 104 -5.05 -3.06 16.33
C VAL A 104 -4.14 -1.91 16.73
N GLY A 105 -4.11 -0.89 15.88
CA GLY A 105 -3.24 0.27 16.12
C GLY A 105 -3.93 1.62 16.06
N GLU A 106 -3.16 2.66 16.35
CA GLU A 106 -3.64 4.03 16.32
C GLU A 106 -3.90 4.43 14.89
N VAL A 107 -5.00 5.16 14.67
CA VAL A 107 -5.38 5.63 13.33
CA VAL A 107 -5.40 5.66 13.34
C VAL A 107 -4.71 6.98 13.03
N TYR A 108 -4.28 7.13 11.78
CA TYR A 108 -3.63 8.36 11.31
C TYR A 108 -4.31 8.88 10.04
N THR A 109 -4.59 10.18 10.02
CA THR A 109 -5.54 10.74 9.06
C THR A 109 -4.90 11.58 7.96
N GLY A 110 -3.59 11.77 8.06
CA GLY A 110 -2.86 12.68 7.19
C GLY A 110 -2.41 12.14 5.85
N GLY A 111 -2.60 10.83 5.64
CA GLY A 111 -2.22 10.18 4.39
C GLY A 111 -0.72 10.00 4.20
N GLU A 112 -0.34 9.52 3.03
CA GLU A 112 1.06 9.18 2.75
C GLU A 112 1.92 10.43 2.59
N LEU A 113 3.13 10.38 3.11
CA LEU A 113 4.06 11.51 3.06
C LEU A 113 4.18 12.13 1.67
N PHE A 114 4.43 11.29 0.67
CA PHE A 114 4.71 11.77 -0.69
C PHE A 114 3.52 12.49 -1.31
N ASP A 115 2.31 12.01 -0.98
CA ASP A 115 1.07 12.63 -1.46
C ASP A 115 0.92 14.06 -0.91
N GLU A 116 1.40 14.28 0.30
CA GLU A 116 1.38 15.61 0.92
C GLU A 116 2.42 16.50 0.26
N ILE A 117 3.59 15.94 -0.02
CA ILE A 117 4.72 16.71 -0.54
C ILE A 117 4.44 17.31 -1.92
N ILE A 118 3.88 16.51 -2.81
CA ILE A 118 3.56 16.96 -4.18
C ILE A 118 2.47 18.04 -4.20
N SER A 119 1.64 18.07 -3.15
CA SER A 119 0.57 19.08 -3.02
C SER A 119 1.08 20.47 -2.63
N ARG A 120 2.38 20.60 -2.36
CA ARG A 120 2.94 21.88 -1.93
C ARG A 120 3.56 22.64 -3.08
N LYS A 121 3.69 23.95 -2.88
CA LYS A 121 4.23 24.86 -3.89
C LYS A 121 5.73 24.99 -3.71
N ARG A 122 6.18 24.74 -2.48
CA ARG A 122 7.58 24.91 -2.10
C ARG A 122 8.11 23.71 -1.30
N PHE A 123 9.38 23.35 -1.56
CA PHE A 123 10.05 22.24 -0.89
C PHE A 123 11.57 22.37 -0.99
N SER A 124 12.21 22.48 0.18
CA SER A 124 13.66 22.71 0.24
C SER A 124 14.39 21.63 1.03
N GLU A 125 15.71 21.76 1.07
CA GLU A 125 16.57 20.87 1.86
C GLU A 125 16.22 20.97 3.34
N VAL A 126 15.70 22.11 3.76
CA VAL A 126 15.24 22.28 5.15
C VAL A 126 14.08 21.35 5.43
N ASP A 127 13.12 21.34 4.50
CA ASP A 127 11.92 20.50 4.63
C ASP A 127 12.31 19.02 4.62
N ALA A 128 13.23 18.68 3.72
CA ALA A 128 13.70 17.30 3.56
C ALA A 128 14.42 16.81 4.83
N ALA A 129 15.25 17.69 5.40
CA ALA A 129 16.07 17.38 6.57
C ALA A 129 15.19 17.12 7.79
N ARG A 130 14.12 17.89 7.90
CA ARG A 130 13.18 17.76 9.01
C ARG A 130 12.39 16.46 8.89
N ILE A 131 12.08 16.10 7.64
CA ILE A 131 11.42 14.82 7.33
C ILE A 131 12.33 13.64 7.68
N ILE A 132 13.58 13.71 7.23
CA ILE A 132 14.51 12.59 7.42
C ILE A 132 14.93 12.43 8.88
N ARG A 133 15.04 13.52 9.61
CA ARG A 133 15.32 13.46 11.06
C ARG A 133 14.25 12.63 11.77
N GLN A 134 12.99 12.90 11.43
CA GLN A 134 11.84 12.19 12.03
C GLN A 134 11.92 10.69 11.76
N VAL A 135 12.24 10.35 10.52
CA VAL A 135 12.40 8.96 10.11
C VAL A 135 13.56 8.32 10.89
N LEU A 136 14.70 8.98 10.87
CA LEU A 136 15.91 8.47 11.51
C LEU A 136 15.71 8.32 13.02
N SER A 137 14.95 9.24 13.59
CA SER A 137 14.62 9.22 15.01
C SER A 137 13.81 7.98 15.39
N GLY A 138 12.78 7.70 14.60
CA GLY A 138 11.92 6.53 14.83
C GLY A 138 12.70 5.25 14.65
N ILE A 139 13.52 5.22 13.61
CA ILE A 139 14.35 4.06 13.31
C ILE A 139 15.34 3.79 14.44
N THR A 140 16.04 4.83 14.85
CA THR A 140 17.06 4.73 15.92
C THR A 140 16.46 4.05 17.14
N TYR A 141 15.27 4.48 17.49
CA TYR A 141 14.55 3.94 18.65
C TYR A 141 14.29 2.44 18.51
N MET A 142 13.72 2.07 17.37
CA MET A 142 13.34 0.69 17.12
C MET A 142 14.58 -0.19 17.13
N HIS A 143 15.66 0.34 16.58
CA HIS A 143 16.93 -0.38 16.53
C HIS A 143 17.46 -0.66 17.94
N LYS A 144 17.39 0.35 18.80
CA LYS A 144 17.74 0.20 20.24
C LYS A 144 16.99 -0.97 20.88
N ASN A 145 15.79 -1.24 20.37
CA ASN A 145 14.95 -2.33 20.86
C ASN A 145 15.01 -3.59 19.99
N LYS A 146 16.02 -3.66 19.11
CA LYS A 146 16.32 -4.85 18.31
C LYS A 146 15.22 -5.24 17.32
N ILE A 147 14.49 -4.25 16.82
CA ILE A 147 13.45 -4.46 15.82
C ILE A 147 13.85 -3.84 14.49
N VAL A 148 13.74 -4.63 13.43
CA VAL A 148 14.10 -4.19 12.08
C VAL A 148 12.87 -4.15 11.17
N HIS A 149 12.74 -3.06 10.42
CA HIS A 149 11.69 -2.92 9.41
C HIS A 149 11.94 -3.74 8.15
N ARG A 150 13.12 -3.56 7.56
CA ARG A 150 13.49 -4.24 6.32
C ARG A 150 12.78 -3.70 5.07
N ASP A 151 11.45 -3.61 5.12
CA ASP A 151 10.64 -3.22 3.96
C ASP A 151 10.23 -1.75 3.96
N LEU A 152 11.12 -0.89 4.43
CA LEU A 152 10.81 0.54 4.57
C LEU A 152 10.84 1.30 3.23
N LYS A 153 9.75 2.05 3.02
CA LYS A 153 9.49 2.83 1.79
C LYS A 153 8.52 3.98 2.09
N PRO A 154 8.28 4.84 1.10
CA PRO A 154 7.46 6.03 1.27
C PRO A 154 6.00 5.75 1.63
N GLU A 155 5.49 4.59 1.21
CA GLU A 155 4.11 4.19 1.51
CA GLU A 155 4.13 4.18 1.50
C GLU A 155 3.93 3.86 2.98
N ASN A 156 5.04 3.59 3.66
CA ASN A 156 5.03 3.26 5.10
C ASN A 156 5.32 4.47 5.98
N LEU A 157 5.34 5.65 5.36
CA LEU A 157 5.48 6.91 6.10
C LEU A 157 4.16 7.67 6.03
N LEU A 158 3.38 7.61 7.10
CA LEU A 158 2.12 8.35 7.22
C LEU A 158 2.29 9.61 8.06
N LEU A 159 1.56 10.66 7.70
CA LEU A 159 1.51 11.87 8.52
C LEU A 159 0.40 11.73 9.57
N GLU A 160 0.71 12.14 10.80
CA GLU A 160 -0.18 11.94 11.95
C GLU A 160 -1.57 12.52 11.73
N SER A 161 -1.60 13.73 11.17
CA SER A 161 -2.84 14.45 10.87
C SER A 161 -2.72 15.31 9.60
N LYS A 162 -3.81 15.99 9.26
CA LYS A 162 -3.83 16.87 8.09
C LYS A 162 -3.13 18.22 8.34
N SER A 163 -2.69 18.45 9.58
CA SER A 163 -2.01 19.69 9.93
C SER A 163 -0.69 19.86 9.20
N LYS A 164 -0.42 21.09 8.76
CA LYS A 164 0.81 21.45 8.04
C LYS A 164 2.08 20.88 8.69
N ASP A 165 2.15 20.97 10.02
CA ASP A 165 3.32 20.51 10.77
C ASP A 165 3.00 19.20 11.52
N ALA A 166 2.38 18.27 10.81
CA ALA A 166 2.04 16.97 11.37
C ALA A 166 3.26 16.05 11.34
N ASN A 167 3.44 15.30 12.43
CA ASN A 167 4.55 14.36 12.53
C ASN A 167 4.40 13.13 11.65
N ILE A 168 5.53 12.52 11.29
CA ILE A 168 5.54 11.32 10.47
C ILE A 168 5.44 10.10 11.39
N ARG A 169 4.56 9.18 11.04
CA ARG A 169 4.43 7.92 11.75
C ARG A 169 4.82 6.74 10.86
N ILE A 170 5.87 6.04 11.25
CA ILE A 170 6.34 4.88 10.49
C ILE A 170 5.45 3.68 10.80
N ILE A 171 5.03 2.97 9.76
CA ILE A 171 4.19 1.78 9.93
C ILE A 171 4.88 0.49 9.50
N ASP A 172 4.31 -0.64 9.95
CA ASP A 172 4.74 -1.99 9.58
C ASP A 172 6.09 -2.47 10.19
N PHE A 173 6.62 -1.73 11.16
CA PHE A 173 7.82 -2.20 11.88
C PHE A 173 7.51 -3.53 12.55
N GLY A 174 8.37 -4.51 12.29
CA GLY A 174 8.29 -5.80 12.98
C GLY A 174 7.47 -6.88 12.31
N LEU A 175 6.73 -6.53 11.26
CA LEU A 175 5.92 -7.54 10.56
C LEU A 175 6.76 -8.50 9.72
N SER A 176 7.84 -8.00 9.14
CA SER A 176 8.63 -8.78 8.17
C SER A 176 9.36 -9.95 8.82
N THR A 177 9.69 -9.78 10.10
CA THR A 177 10.39 -10.84 10.86
C THR A 177 9.53 -12.08 11.01
N HIS A 178 8.21 -11.88 10.99
CA HIS A 178 7.25 -12.94 11.34
C HIS A 178 6.33 -13.39 10.20
N PHE A 179 6.23 -12.60 9.14
CA PHE A 179 5.39 -12.95 8.00
C PHE A 179 6.13 -12.90 6.67
N GLU A 180 5.85 -13.87 5.82
CA GLU A 180 6.46 -13.95 4.50
C GLU A 180 5.81 -12.94 3.55
N ALA A 181 6.67 -12.17 2.89
CA ALA A 181 6.24 -11.17 1.92
C ALA A 181 5.48 -11.82 0.76
N SER A 182 4.49 -11.11 0.25
CA SER A 182 3.77 -11.55 -0.95
C SER A 182 4.69 -11.51 -2.16
N LYS A 183 4.51 -12.50 -3.04
CA LYS A 183 5.25 -12.58 -4.31
C LYS A 183 4.45 -11.97 -5.44
N LYS A 184 3.22 -11.56 -5.14
CA LYS A 184 2.31 -10.97 -6.13
C LYS A 184 2.70 -9.53 -6.42
N MET A 185 2.75 -9.18 -7.70
CA MET A 185 3.21 -7.86 -8.14
C MET A 185 2.37 -6.71 -7.58
N LYS A 186 1.07 -6.96 -7.48
CA LYS A 186 0.13 -5.96 -6.94
C LYS A 186 0.46 -5.61 -5.49
N ASP A 187 1.13 -6.55 -4.80
CA ASP A 187 1.58 -6.36 -3.43
C ASP A 187 3.02 -5.83 -3.34
N LYS A 188 3.76 -5.95 -4.44
CA LYS A 188 5.19 -5.59 -4.46
C LYS A 188 5.51 -4.22 -5.09
N ILE A 189 4.50 -3.54 -5.62
CA ILE A 189 4.72 -2.27 -6.32
C ILE A 189 5.59 -1.37 -5.48
N GLY A 190 6.68 -0.89 -6.07
CA GLY A 190 7.55 0.07 -5.41
C GLY A 190 8.62 -0.53 -4.51
N THR A 191 8.49 -1.79 -4.14
CA THR A 191 9.39 -2.36 -3.14
C THR A 191 10.86 -2.38 -3.59
N ALA A 192 11.07 -2.69 -4.87
CA ALA A 192 12.41 -2.93 -5.41
C ALA A 192 13.38 -1.74 -5.33
N TYR A 193 12.84 -0.52 -5.29
CA TYR A 193 13.68 0.69 -5.29
C TYR A 193 14.42 0.85 -3.97
N TYR A 194 13.80 0.39 -2.89
CA TYR A 194 14.18 0.75 -1.52
C TYR A 194 14.89 -0.36 -0.76
N ILE A 195 14.74 -1.59 -1.23
CA ILE A 195 15.28 -2.77 -0.55
C ILE A 195 16.80 -2.73 -0.59
N ALA A 196 17.42 -3.10 0.53
CA ALA A 196 18.88 -3.10 0.67
C ALA A 196 19.48 -4.36 0.02
N PRO A 197 20.65 -4.24 -0.60
CA PRO A 197 21.26 -5.37 -1.34
C PRO A 197 21.46 -6.62 -0.50
N GLU A 198 21.86 -6.42 0.75
CA GLU A 198 22.12 -7.54 1.65
C GLU A 198 20.85 -8.35 1.96
N VAL A 199 19.71 -7.68 1.93
CA VAL A 199 18.42 -8.34 2.13
C VAL A 199 18.14 -9.33 1.02
N LEU A 200 18.52 -8.96 -0.20
CA LEU A 200 18.34 -9.83 -1.36
C LEU A 200 19.08 -11.15 -1.18
N HIS A 201 20.28 -11.05 -0.62
CA HIS A 201 21.21 -12.18 -0.54
C HIS A 201 21.08 -13.00 0.75
N GLY A 202 20.29 -12.52 1.70
CA GLY A 202 19.91 -13.30 2.88
C GLY A 202 20.49 -12.89 4.22
N THR A 203 21.72 -12.36 4.21
CA THR A 203 22.39 -11.92 5.44
C THR A 203 22.19 -10.43 5.63
N TYR A 204 21.34 -10.07 6.60
CA TYR A 204 21.03 -8.67 6.87
C TYR A 204 20.72 -8.37 8.33
N ASP A 205 20.91 -7.10 8.68
CA ASP A 205 20.72 -6.59 10.03
C ASP A 205 20.04 -5.22 9.99
N GLU A 206 20.00 -4.53 11.12
CA GLU A 206 19.31 -3.23 11.22
C GLU A 206 19.79 -2.17 10.22
N LYS A 207 21.04 -2.29 9.77
CA LYS A 207 21.62 -1.36 8.78
C LYS A 207 20.85 -1.30 7.46
N CYS A 208 20.07 -2.35 7.14
CA CYS A 208 19.26 -2.32 5.92
C CYS A 208 18.25 -1.15 5.94
N ASP A 209 17.77 -0.78 7.12
CA ASP A 209 16.83 0.35 7.27
C ASP A 209 17.48 1.71 6.96
N VAL A 210 18.77 1.85 7.23
CA VAL A 210 19.51 3.06 6.90
C VAL A 210 19.63 3.24 5.38
N TRP A 211 19.82 2.13 4.68
CA TRP A 211 19.88 2.11 3.22
C TRP A 211 18.59 2.64 2.63
N SER A 212 17.48 2.06 3.07
CA SER A 212 16.15 2.41 2.56
C SER A 212 15.87 3.90 2.77
N THR A 213 16.24 4.39 3.95
CA THR A 213 16.09 5.82 4.24
C THR A 213 16.96 6.67 3.32
N GLY A 214 18.15 6.16 3.03
CA GLY A 214 19.06 6.80 2.08
C GLY A 214 18.46 6.92 0.68
N VAL A 215 17.78 5.87 0.23
CA VAL A 215 17.08 5.88 -1.06
C VAL A 215 15.99 6.94 -1.04
N ILE A 216 15.19 6.91 0.02
CA ILE A 216 14.08 7.86 0.19
C ILE A 216 14.58 9.30 0.16
N LEU A 217 15.69 9.56 0.85
CA LEU A 217 16.32 10.89 0.85
C LEU A 217 16.77 11.32 -0.53
N TYR A 218 17.45 10.41 -1.23
CA TYR A 218 17.90 10.64 -2.61
C TYR A 218 16.73 11.08 -3.49
N ILE A 219 15.59 10.41 -3.30
CA ILE A 219 14.37 10.70 -4.05
C ILE A 219 13.79 12.05 -3.64
N LEU A 220 13.80 12.33 -2.34
CA LEU A 220 13.29 13.61 -1.84
C LEU A 220 14.00 14.80 -2.49
N LEU A 221 15.31 14.69 -2.69
CA LEU A 221 16.15 15.80 -3.16
C LEU A 221 16.34 15.87 -4.67
N SER A 222 16.02 14.79 -5.37
CA SER A 222 16.09 14.77 -6.86
C SER A 222 14.79 14.40 -7.55
N GLY A 223 13.90 13.71 -6.84
CA GLY A 223 12.65 13.22 -7.41
C GLY A 223 12.80 11.95 -8.24
N CYS A 224 14.01 11.40 -8.29
CA CYS A 224 14.30 10.16 -9.02
C CYS A 224 14.91 9.10 -8.09
N PRO A 225 14.56 7.83 -8.31
CA PRO A 225 15.21 6.76 -7.59
C PRO A 225 16.67 6.60 -8.05
N PRO A 226 17.59 6.41 -7.12
CA PRO A 226 18.99 6.20 -7.49
C PRO A 226 19.19 4.91 -8.27
N PHE A 227 18.39 3.91 -7.94
CA PHE A 227 18.41 2.62 -8.63
C PHE A 227 17.09 2.45 -9.36
N ASN A 228 17.17 2.46 -10.68
CA ASN A 228 15.98 2.47 -11.53
C ASN A 228 16.06 1.48 -12.68
N GLY A 229 14.90 1.21 -13.27
CA GLY A 229 14.82 0.22 -14.35
C GLY A 229 13.49 0.14 -15.06
N ALA A 230 13.46 -0.70 -16.09
CA ALA A 230 12.28 -0.91 -16.94
C ALA A 230 11.30 -1.91 -16.31
N ASN A 231 11.74 -2.59 -15.27
CA ASN A 231 10.93 -3.59 -14.60
C ASN A 231 11.53 -3.95 -13.25
N GLU A 232 10.83 -4.81 -12.51
CA GLU A 232 11.25 -5.14 -11.15
C GLU A 232 12.68 -5.67 -11.11
N TYR A 233 12.99 -6.59 -12.00
CA TYR A 233 14.28 -7.27 -11.97
C TYR A 233 15.45 -6.37 -12.36
N ASP A 234 15.18 -5.42 -13.26
CA ASP A 234 16.20 -4.46 -13.70
C ASP A 234 16.56 -3.51 -12.57
N ILE A 235 15.56 -3.16 -11.78
CA ILE A 235 15.74 -2.30 -10.61
C ILE A 235 16.63 -3.04 -9.62
N LEU A 236 16.33 -4.32 -9.44
CA LEU A 236 17.03 -5.17 -8.49
C LEU A 236 18.48 -5.41 -8.93
N LYS A 237 18.71 -5.47 -10.24
CA LYS A 237 20.07 -5.61 -10.79
C LYS A 237 20.92 -4.41 -10.40
N LYS A 238 20.31 -3.23 -10.48
CA LYS A 238 21.01 -1.98 -10.16
C LYS A 238 21.35 -1.92 -8.68
N VAL A 239 20.35 -2.25 -7.87
CA VAL A 239 20.48 -2.27 -6.41
C VAL A 239 21.60 -3.22 -5.99
N GLU A 240 21.59 -4.40 -6.60
CA GLU A 240 22.59 -5.43 -6.30
C GLU A 240 24.00 -4.97 -6.67
N LYS A 241 24.12 -4.31 -7.82
CA LYS A 241 25.39 -3.71 -8.25
C LYS A 241 25.78 -2.55 -7.33
N GLY A 242 24.77 -1.81 -6.89
CA GLY A 242 24.95 -0.82 -5.82
C GLY A 242 25.54 0.52 -6.23
N LYS A 243 25.65 0.77 -7.54
CA LYS A 243 26.25 2.01 -8.03
C LYS A 243 25.21 3.06 -8.43
N TYR A 244 25.56 4.32 -8.16
CA TYR A 244 24.65 5.45 -8.36
C TYR A 244 25.49 6.71 -8.53
N THR A 245 24.86 7.78 -9.01
CA THR A 245 25.55 9.05 -9.22
C THR A 245 24.70 10.27 -8.89
N PHE A 246 25.38 11.41 -8.77
CA PHE A 246 24.73 12.70 -8.54
C PHE A 246 24.94 13.61 -9.75
N GLU A 247 25.00 13.01 -10.94
CA GLU A 247 25.33 13.74 -12.17
C GLU A 247 24.11 14.33 -12.87
N LEU A 248 22.93 14.17 -12.26
CA LEU A 248 21.72 14.83 -12.76
C LEU A 248 21.81 16.35 -12.53
N PRO A 249 21.14 17.13 -13.39
CA PRO A 249 21.18 18.60 -13.24
C PRO A 249 20.68 19.09 -11.89
N GLN A 250 19.59 18.50 -11.42
CA GLN A 250 18.93 18.95 -10.18
C GLN A 250 19.76 18.70 -8.91
N TRP A 251 20.84 17.94 -9.05
CA TRP A 251 21.80 17.74 -7.94
C TRP A 251 22.73 18.93 -7.76
N LYS A 252 22.78 19.82 -8.75
CA LYS A 252 23.59 21.04 -8.69
C LYS A 252 23.03 22.00 -7.64
N LYS A 253 21.71 21.96 -7.47
CA LYS A 253 21.00 22.77 -6.45
C LYS A 253 21.27 22.34 -5.01
N VAL A 254 21.86 21.16 -4.83
CA VAL A 254 21.95 20.50 -3.52
C VAL A 254 23.31 20.66 -2.84
N SER A 255 23.28 20.74 -1.51
CA SER A 255 24.49 20.88 -0.70
C SER A 255 25.37 19.64 -0.77
N GLU A 256 26.67 19.84 -0.55
CA GLU A 256 27.64 18.74 -0.58
CA GLU A 256 27.66 18.75 -0.56
C GLU A 256 27.39 17.79 0.60
N SER A 257 27.00 18.36 1.73
CA SER A 257 26.73 17.59 2.95
C SER A 257 25.54 16.65 2.81
N ALA A 258 24.52 17.08 2.07
CA ALA A 258 23.36 16.24 1.81
C ALA A 258 23.80 15.00 1.05
N LYS A 259 24.64 15.21 0.04
CA LYS A 259 25.16 14.14 -0.80
C LYS A 259 26.10 13.23 0.00
N ASP A 260 26.83 13.84 0.93
CA ASP A 260 27.75 13.10 1.82
C ASP A 260 27.01 12.11 2.72
N LEU A 261 25.88 12.56 3.25
CA LEU A 261 25.05 11.69 4.11
C LEU A 261 24.47 10.56 3.26
N ILE A 262 23.97 10.92 2.09
CA ILE A 262 23.42 9.94 1.16
C ILE A 262 24.46 8.86 0.88
N ARG A 263 25.68 9.30 0.59
CA ARG A 263 26.78 8.38 0.28
C ARG A 263 27.01 7.40 1.42
N LYS A 264 26.90 7.92 2.64
CA LYS A 264 27.18 7.14 3.86
C LYS A 264 26.06 6.16 4.18
N MET A 265 24.84 6.55 3.84
CA MET A 265 23.67 5.69 4.03
C MET A 265 23.57 4.65 2.92
N LEU A 266 24.00 5.03 1.72
CA LEU A 266 23.99 4.11 0.57
C LEU A 266 25.36 3.46 0.40
N THR A 267 26.06 3.26 1.50
CA THR A 267 27.32 2.52 1.48
C THR A 267 26.98 1.03 1.44
N TYR A 268 27.64 0.32 0.53
CA TYR A 268 27.27 -1.05 0.18
C TYR A 268 27.45 -2.04 1.33
N VAL A 269 28.66 -2.11 1.86
CA VAL A 269 28.98 -3.04 2.95
C VAL A 269 28.36 -2.52 4.25
N PRO A 270 27.44 -3.29 4.84
CA PRO A 270 26.63 -2.74 5.95
C PRO A 270 27.43 -2.36 7.18
N SER A 271 28.50 -3.09 7.46
CA SER A 271 29.39 -2.74 8.57
C SER A 271 30.00 -1.35 8.36
N MET A 272 30.26 -0.98 7.10
CA MET A 272 30.83 0.34 6.75
C MET A 272 29.76 1.43 6.67
N ARG A 273 28.50 1.01 6.58
CA ARG A 273 27.39 1.94 6.46
C ARG A 273 27.13 2.65 7.78
N ILE A 274 26.82 3.94 7.69
CA ILE A 274 26.49 4.76 8.86
C ILE A 274 25.24 4.22 9.56
N SER A 275 25.26 4.25 10.88
CA SER A 275 24.11 3.83 11.68
C SER A 275 23.05 4.92 11.70
N ALA A 276 21.83 4.57 12.10
CA ALA A 276 20.73 5.52 12.16
C ALA A 276 21.05 6.63 13.16
N ARG A 277 21.56 6.23 14.32
CA ARG A 277 21.81 7.15 15.41
C ARG A 277 22.91 8.14 15.05
N ASP A 278 23.90 7.66 14.32
CA ASP A 278 25.03 8.49 13.89
C ASP A 278 24.63 9.42 12.77
N ALA A 279 23.70 8.96 11.93
CA ALA A 279 23.12 9.79 10.87
C ALA A 279 22.42 11.04 11.44
N LEU A 280 21.77 10.87 12.59
CA LEU A 280 21.07 11.99 13.25
C LEU A 280 22.04 13.11 13.63
N ASP A 281 23.30 12.74 13.85
CA ASP A 281 24.37 13.69 14.20
C ASP A 281 25.12 14.23 12.98
N HIS A 282 24.73 13.80 11.80
CA HIS A 282 25.40 14.24 10.57
C HIS A 282 25.25 15.74 10.35
N GLU A 283 26.32 16.34 9.85
CA GLU A 283 26.38 17.78 9.57
C GLU A 283 25.11 18.31 8.88
N TRP A 284 24.67 17.58 7.86
CA TRP A 284 23.51 17.97 7.07
C TRP A 284 22.24 18.08 7.91
N ILE A 285 22.02 17.09 8.77
CA ILE A 285 20.86 17.06 9.67
C ILE A 285 20.95 18.20 10.66
N GLN A 286 22.14 18.39 11.21
CA GLN A 286 22.39 19.40 12.24
C GLN A 286 22.22 20.81 11.70
N THR A 287 22.63 21.02 10.45
CA THR A 287 22.56 22.35 9.86
C THR A 287 21.14 22.71 9.49
N TYR A 288 20.48 21.84 8.74
CA TYR A 288 19.21 22.15 8.10
C TYR A 288 17.96 21.99 8.96
N THR A 289 18.10 21.38 10.13
CA THR A 289 16.95 21.22 11.05
C THR A 289 16.94 22.24 12.21
N LYS A 290 17.81 23.25 12.16
CA LYS A 290 17.84 24.30 13.19
C LYS A 290 16.75 25.34 12.98
N ASP A 296 18.67 32.18 3.47
CA ASP A 296 17.59 31.32 2.98
C ASP A 296 18.08 30.09 2.25
N VAL A 297 17.17 29.12 2.15
CA VAL A 297 17.38 27.89 1.40
C VAL A 297 16.44 27.92 0.18
N PRO A 298 16.97 27.63 -1.01
CA PRO A 298 16.12 27.68 -2.20
C PRO A 298 15.16 26.49 -2.30
N SER A 299 14.08 26.69 -3.06
CA SER A 299 13.14 25.61 -3.32
C SER A 299 13.71 24.67 -4.36
N LEU A 300 13.40 23.40 -4.21
CA LEU A 300 13.80 22.36 -5.16
C LEU A 300 12.62 22.08 -6.10
N ASP A 301 12.40 23.01 -7.02
CA ASP A 301 11.22 22.98 -7.91
C ASP A 301 11.24 21.78 -8.85
N ASN A 302 12.44 21.42 -9.31
CA ASN A 302 12.62 20.27 -10.21
C ASN A 302 12.33 18.94 -9.51
N ALA A 303 12.77 18.85 -8.25
CA ALA A 303 12.52 17.67 -7.44
C ALA A 303 11.01 17.45 -7.22
N ILE A 304 10.27 18.53 -6.96
CA ILE A 304 8.81 18.45 -6.75
C ILE A 304 8.13 17.94 -8.03
N LEU A 305 8.56 18.48 -9.17
CA LEU A 305 8.05 18.07 -10.48
C LEU A 305 8.23 16.59 -10.68
N ASN A 306 9.45 16.12 -10.40
CA ASN A 306 9.80 14.72 -10.61
C ASN A 306 9.07 13.78 -9.65
N ILE A 307 8.92 14.20 -8.40
CA ILE A 307 8.20 13.41 -7.38
C ILE A 307 6.72 13.28 -7.74
N ARG A 308 6.14 14.37 -8.23
CA ARG A 308 4.74 14.38 -8.64
C ARG A 308 4.49 13.41 -9.78
N GLN A 309 5.44 13.36 -10.72
CA GLN A 309 5.39 12.42 -11.84
C GLN A 309 5.59 10.99 -11.36
N PHE A 310 6.62 10.81 -10.54
CA PHE A 310 6.96 9.51 -9.96
C PHE A 310 5.76 8.92 -9.22
N GLN A 311 5.15 9.73 -8.37
CA GLN A 311 4.02 9.30 -7.55
C GLN A 311 2.82 8.92 -8.41
N GLY A 312 2.55 9.71 -9.43
CA GLY A 312 1.42 9.45 -10.33
C GLY A 312 1.53 8.13 -11.07
N THR A 313 2.74 7.87 -11.53
CA THR A 313 3.07 6.65 -12.27
C THR A 313 2.91 5.40 -11.41
N GLN A 314 3.43 5.49 -10.19
CA GLN A 314 3.37 4.39 -9.22
C GLN A 314 1.92 4.09 -8.87
N LYS A 315 1.17 5.16 -8.61
CA LYS A 315 -0.21 5.07 -8.14
C LYS A 315 -1.12 4.48 -9.22
N LEU A 316 -0.85 4.83 -10.47
CA LEU A 316 -1.62 4.31 -11.62
C LEU A 316 -1.32 2.84 -11.93
N ALA A 317 -0.05 2.43 -11.82
CA ALA A 317 0.31 1.02 -12.02
C ALA A 317 -0.32 0.15 -10.94
N GLN A 318 -0.37 0.69 -9.73
CA GLN A 318 -1.01 0.07 -8.57
C GLN A 318 -2.49 -0.14 -8.83
N ALA A 319 -3.10 0.91 -9.34
CA ALA A 319 -4.51 0.99 -9.63
C ALA A 319 -4.87 0.02 -10.74
N ALA A 320 -3.96 -0.11 -11.69
CA ALA A 320 -4.13 -1.02 -12.82
C ALA A 320 -4.16 -2.46 -12.34
N LEU A 321 -3.23 -2.79 -11.45
CA LEU A 321 -3.14 -4.15 -10.90
C LEU A 321 -4.33 -4.48 -10.01
N LEU A 322 -4.77 -3.52 -9.22
CA LEU A 322 -5.92 -3.72 -8.32
C LEU A 322 -7.21 -3.92 -9.11
N TYR A 323 -7.31 -3.19 -10.22
CA TYR A 323 -8.48 -3.26 -11.08
C TYR A 323 -8.61 -4.64 -11.70
N MET A 324 -7.51 -5.12 -12.26
CA MET A 324 -7.45 -6.46 -12.85
C MET A 324 -7.75 -7.54 -11.81
N GLY A 325 -7.16 -7.36 -10.62
CA GLY A 325 -7.38 -8.26 -9.49
C GLY A 325 -8.83 -8.31 -9.08
N SER A 326 -9.46 -7.14 -9.03
CA SER A 326 -10.88 -7.02 -8.68
C SER A 326 -11.77 -7.69 -9.72
N LYS A 327 -11.41 -7.53 -10.99
CA LYS A 327 -12.14 -8.18 -12.07
C LYS A 327 -12.10 -9.70 -11.96
N LEU A 328 -10.91 -10.22 -11.71
CA LEU A 328 -10.73 -11.68 -11.55
C LEU A 328 -11.53 -12.20 -10.35
N THR A 329 -11.38 -11.51 -9.21
CA THR A 329 -12.11 -11.85 -7.98
C THR A 329 -13.62 -11.90 -8.19
N SER A 330 -14.12 -10.92 -8.94
CA SER A 330 -15.55 -10.82 -9.27
C SER A 330 -16.04 -11.97 -10.15
N GLN A 331 -15.24 -12.36 -11.14
CA GLN A 331 -15.59 -13.49 -12.00
C GLN A 331 -15.73 -14.74 -11.15
N ASP A 332 -14.78 -14.90 -10.24
CA ASP A 332 -14.74 -16.04 -9.32
C ASP A 332 -15.98 -16.03 -8.43
N GLU A 333 -16.13 -14.95 -7.67
CA GLU A 333 -17.20 -14.82 -6.68
C GLU A 333 -18.62 -14.82 -7.26
N THR A 334 -18.77 -14.37 -8.51
CA THR A 334 -20.09 -14.30 -9.14
C THR A 334 -20.67 -15.69 -9.34
N LYS A 335 -19.83 -16.58 -9.85
CA LYS A 335 -20.25 -17.95 -10.15
C LYS A 335 -20.41 -18.74 -8.86
N GLU A 336 -19.57 -18.44 -7.88
CA GLU A 336 -19.61 -19.12 -6.57
C GLU A 336 -20.88 -18.79 -5.80
N LEU A 337 -21.20 -17.51 -5.76
CA LEU A 337 -22.42 -17.02 -5.08
C LEU A 337 -23.68 -17.62 -5.70
N THR A 338 -23.69 -17.67 -7.03
CA THR A 338 -24.82 -18.25 -7.77
C THR A 338 -25.00 -19.74 -7.45
N ALA A 339 -23.87 -20.45 -7.38
CA ALA A 339 -23.84 -21.88 -7.06
C ALA A 339 -24.31 -22.14 -5.64
N ILE A 340 -23.93 -21.26 -4.73
CA ILE A 340 -24.31 -21.37 -3.31
C ILE A 340 -25.81 -21.22 -3.14
N PHE A 341 -26.35 -20.17 -3.79
CA PHE A 341 -27.77 -19.86 -3.72
C PHE A 341 -28.62 -20.92 -4.43
N HIS A 342 -28.10 -21.44 -5.54
CA HIS A 342 -28.79 -22.47 -6.32
C HIS A 342 -29.05 -23.71 -5.47
N LYS A 343 -28.01 -24.12 -4.75
CA LYS A 343 -28.08 -25.24 -3.80
C LYS A 343 -29.11 -24.97 -2.72
N MET A 344 -29.11 -23.73 -2.24
CA MET A 344 -30.08 -23.25 -1.23
C MET A 344 -31.51 -23.25 -1.75
N ASP A 345 -31.67 -22.87 -3.01
CA ASP A 345 -32.99 -22.78 -3.64
C ASP A 345 -33.49 -24.20 -3.97
N LYS A 346 -34.01 -24.86 -2.93
CA LYS A 346 -34.27 -26.30 -2.96
C LYS A 346 -35.35 -26.74 -3.96
N ASN A 347 -36.40 -25.95 -4.12
CA ASN A 347 -37.44 -26.25 -5.12
C ASN A 347 -37.24 -25.50 -6.44
N GLY A 348 -36.06 -24.89 -6.59
CA GLY A 348 -35.61 -24.31 -7.86
C GLY A 348 -36.53 -23.32 -8.56
N ASP A 349 -37.18 -22.46 -7.79
CA ASP A 349 -38.06 -21.42 -8.37
C ASP A 349 -37.39 -20.04 -8.47
N GLY A 350 -36.17 -19.95 -7.95
CA GLY A 350 -35.36 -18.73 -8.02
C GLY A 350 -35.62 -17.72 -6.90
N GLN A 351 -36.31 -18.17 -5.86
CA GLN A 351 -36.80 -17.25 -4.81
C GLN A 351 -36.20 -17.57 -3.45
N LEU A 352 -35.42 -16.60 -2.95
CA LEU A 352 -34.84 -16.65 -1.60
C LEU A 352 -35.26 -15.41 -0.80
N ASP A 353 -35.22 -15.53 0.52
CA ASP A 353 -35.48 -14.37 1.40
C ASP A 353 -34.18 -13.75 1.92
N ARG A 354 -34.32 -12.68 2.69
CA ARG A 354 -33.18 -11.89 3.18
C ARG A 354 -32.26 -12.68 4.11
N ALA A 355 -32.85 -13.50 4.98
CA ALA A 355 -32.08 -14.31 5.93
C ALA A 355 -31.24 -15.37 5.20
N GLU A 356 -31.78 -15.84 4.08
CA GLU A 356 -31.11 -16.85 3.24
C GLU A 356 -29.97 -16.21 2.45
N LEU A 357 -30.27 -15.06 1.84
CA LEU A 357 -29.25 -14.28 1.13
C LEU A 357 -28.06 -13.99 2.04
N ILE A 358 -28.38 -13.72 3.32
CA ILE A 358 -27.36 -13.44 4.35
C ILE A 358 -26.52 -14.69 4.64
N GLU A 359 -27.19 -15.82 4.82
CA GLU A 359 -26.52 -17.09 5.13
C GLU A 359 -25.60 -17.52 3.99
N GLY A 360 -26.08 -17.32 2.77
CA GLY A 360 -25.33 -17.66 1.56
C GLY A 360 -24.16 -16.73 1.32
N TYR A 361 -24.38 -15.44 1.57
CA TYR A 361 -23.31 -14.44 1.48
C TYR A 361 -22.25 -14.73 2.55
N LYS A 362 -22.71 -15.15 3.71
CA LYS A 362 -21.81 -15.54 4.81
C LYS A 362 -20.96 -16.73 4.39
N GLU A 363 -21.60 -17.72 3.77
CA GLU A 363 -20.92 -18.92 3.29
C GLU A 363 -19.88 -18.56 2.22
N LEU A 364 -20.17 -17.55 1.42
CA LEU A 364 -19.25 -17.08 0.40
C LEU A 364 -17.99 -16.48 1.03
N MET A 365 -18.20 -15.48 1.87
CA MET A 365 -17.11 -14.73 2.52
C MET A 365 -16.23 -15.64 3.40
N ARG A 366 -16.82 -16.76 3.82
CA ARG A 366 -16.09 -17.85 4.50
C ARG A 366 -14.90 -18.35 3.68
N ASP A 371 -13.20 -9.81 1.38
CA ASP A 371 -13.65 -8.68 2.18
C ASP A 371 -13.28 -8.86 3.66
N ALA A 372 -12.13 -8.29 4.02
CA ALA A 372 -11.68 -8.25 5.41
C ALA A 372 -12.68 -7.43 6.20
N SER A 373 -13.33 -6.52 5.47
CA SER A 373 -14.39 -5.65 6.00
C SER A 373 -15.66 -6.40 6.39
N MET A 374 -15.83 -7.60 5.86
CA MET A 374 -17.05 -8.40 6.08
C MET A 374 -16.94 -9.46 7.15
N LEU A 375 -15.86 -9.43 7.95
CA LEU A 375 -15.65 -10.46 8.98
C LEU A 375 -16.50 -10.19 10.23
N ASP A 376 -17.80 -10.10 10.02
CA ASP A 376 -18.79 -9.97 11.09
C ASP A 376 -20.19 -10.27 10.52
N ALA A 377 -21.07 -10.77 11.37
CA ALA A 377 -22.44 -11.08 10.96
C ALA A 377 -23.21 -9.81 10.64
N SER A 378 -23.04 -8.79 11.48
CA SER A 378 -23.71 -7.50 11.29
C SER A 378 -23.21 -6.76 10.05
N ALA A 379 -21.93 -6.95 9.74
CA ALA A 379 -21.33 -6.43 8.51
C ALA A 379 -22.04 -6.98 7.27
N VAL A 380 -22.35 -8.27 7.32
CA VAL A 380 -23.02 -8.98 6.22
C VAL A 380 -24.47 -8.56 6.12
N GLU A 381 -25.16 -8.52 7.27
CA GLU A 381 -26.54 -8.04 7.34
C GLU A 381 -26.63 -6.67 6.69
N HIS A 382 -25.68 -5.80 7.03
CA HIS A 382 -25.65 -4.45 6.51
C HIS A 382 -25.46 -4.43 5.00
N GLU A 383 -24.49 -5.21 4.53
CA GLU A 383 -24.13 -5.21 3.11
C GLU A 383 -25.23 -5.78 2.22
N VAL A 384 -25.87 -6.86 2.69
CA VAL A 384 -27.01 -7.43 1.98
C VAL A 384 -28.09 -6.35 1.82
N ASP A 385 -28.41 -5.68 2.93
CA ASP A 385 -29.44 -4.62 2.94
C ASP A 385 -29.12 -3.47 1.98
N GLN A 386 -27.85 -3.11 1.88
CA GLN A 386 -27.41 -2.06 0.95
C GLN A 386 -27.69 -2.46 -0.49
N VAL A 387 -27.39 -3.72 -0.81
CA VAL A 387 -27.65 -4.26 -2.13
C VAL A 387 -29.16 -4.27 -2.42
N LEU A 388 -29.94 -4.71 -1.44
CA LEU A 388 -31.40 -4.82 -1.60
C LEU A 388 -32.03 -3.45 -1.84
N ASP A 389 -31.58 -2.46 -1.08
CA ASP A 389 -32.10 -1.09 -1.19
C ASP A 389 -31.78 -0.45 -2.55
N ALA A 390 -30.61 -0.79 -3.10
CA ALA A 390 -30.17 -0.27 -4.39
C ALA A 390 -31.11 -0.68 -5.53
N VAL A 391 -31.57 -1.93 -5.48
CA VAL A 391 -32.38 -2.51 -6.57
C VAL A 391 -33.89 -2.37 -6.33
N ASP A 392 -34.27 -1.73 -5.23
CA ASP A 392 -35.67 -1.51 -4.87
C ASP A 392 -36.45 -2.83 -4.69
N PHE A 393 -35.75 -3.84 -4.20
CA PHE A 393 -36.39 -5.10 -3.83
C PHE A 393 -36.89 -4.96 -2.39
N ASP A 394 -38.14 -5.36 -2.15
CA ASP A 394 -38.68 -5.36 -0.79
C ASP A 394 -37.94 -6.38 0.05
N LYS A 395 -37.41 -5.92 1.18
CA LYS A 395 -36.51 -6.73 2.02
C LYS A 395 -37.24 -7.73 2.91
N ASN A 396 -38.55 -7.54 3.08
CA ASN A 396 -39.35 -8.36 4.01
C ASN A 396 -40.02 -9.57 3.37
N GLY A 397 -40.00 -9.63 2.04
CA GLY A 397 -40.54 -10.77 1.29
C GLY A 397 -39.44 -11.63 0.70
N TYR A 398 -39.78 -12.36 -0.36
CA TYR A 398 -38.81 -13.20 -1.07
C TYR A 398 -38.28 -12.51 -2.32
N ILE A 399 -37.05 -12.86 -2.69
CA ILE A 399 -36.29 -12.15 -3.72
C ILE A 399 -35.70 -13.07 -4.79
N GLU A 400 -35.60 -12.54 -6.00
CA GLU A 400 -34.93 -13.22 -7.11
C GLU A 400 -33.42 -13.16 -6.90
N TYR A 401 -32.82 -14.29 -6.52
CA TYR A 401 -31.39 -14.31 -6.14
C TYR A 401 -30.46 -13.96 -7.29
N SER A 402 -30.81 -14.40 -8.50
CA SER A 402 -30.02 -14.07 -9.70
C SER A 402 -29.87 -12.55 -9.86
N GLU A 403 -30.96 -11.84 -9.55
CA GLU A 403 -30.98 -10.37 -9.69
C GLU A 403 -30.10 -9.72 -8.62
N PHE A 404 -30.19 -10.24 -7.40
CA PHE A 404 -29.37 -9.77 -6.26
C PHE A 404 -27.89 -9.90 -6.57
N VAL A 405 -27.51 -11.10 -7.01
CA VAL A 405 -26.11 -11.42 -7.35
C VAL A 405 -25.52 -10.39 -8.32
N THR A 406 -26.26 -10.12 -9.39
CA THR A 406 -25.83 -9.13 -10.38
C THR A 406 -25.49 -7.79 -9.73
N VAL A 407 -26.40 -7.30 -8.90
CA VAL A 407 -26.25 -5.99 -8.26
C VAL A 407 -25.06 -5.95 -7.30
N ALA A 408 -24.97 -6.96 -6.44
CA ALA A 408 -23.93 -7.03 -5.41
C ALA A 408 -22.53 -7.04 -5.99
N MET A 409 -22.40 -7.64 -7.17
CA MET A 409 -21.12 -7.74 -7.86
C MET A 409 -20.86 -6.51 -8.73
N ASP A 410 -21.91 -6.03 -9.40
CA ASP A 410 -21.82 -4.83 -10.24
C ASP A 410 -21.38 -3.63 -9.42
N ARG A 411 -21.90 -3.55 -8.20
CA ARG A 411 -21.50 -2.51 -7.24
C ARG A 411 -19.98 -2.48 -7.09
N LYS A 412 -19.41 -3.65 -6.84
CA LYS A 412 -17.97 -3.80 -6.61
C LYS A 412 -17.16 -3.52 -7.89
N THR A 413 -17.70 -3.97 -9.02
CA THR A 413 -17.14 -3.71 -10.35
C THR A 413 -17.12 -2.23 -10.67
N LEU A 414 -18.21 -1.57 -10.33
CA LEU A 414 -18.38 -0.14 -10.57
C LEU A 414 -17.42 0.66 -9.69
N LEU A 415 -17.29 0.21 -8.44
CA LEU A 415 -16.37 0.83 -7.48
C LEU A 415 -14.92 0.77 -7.96
N SER A 416 -14.55 -0.39 -8.51
CA SER A 416 -13.20 -0.61 -9.01
C SER A 416 -12.87 0.23 -10.24
N ARG A 417 -13.86 0.37 -11.13
CA ARG A 417 -13.73 1.21 -12.32
C ARG A 417 -13.44 2.67 -11.94
N GLU A 418 -14.16 3.16 -10.94
CA GLU A 418 -14.02 4.54 -10.47
C GLU A 418 -12.65 4.84 -9.87
N ARG A 419 -12.07 3.87 -9.18
CA ARG A 419 -10.78 4.04 -8.51
C ARG A 419 -9.66 4.17 -9.54
N LEU A 420 -9.79 3.37 -10.60
CA LEU A 420 -8.84 3.35 -11.71
C LEU A 420 -8.89 4.65 -12.49
N GLU A 421 -10.09 5.06 -12.84
CA GLU A 421 -10.31 6.30 -13.59
C GLU A 421 -9.65 7.47 -12.90
N ARG A 422 -9.91 7.61 -11.60
CA ARG A 422 -9.32 8.69 -10.81
C ARG A 422 -7.81 8.72 -10.98
N ALA A 423 -7.22 7.53 -10.98
CA ALA A 423 -5.77 7.37 -11.12
C ALA A 423 -5.30 7.75 -12.51
N PHE A 424 -6.13 7.45 -13.52
CA PHE A 424 -5.85 7.81 -14.91
C PHE A 424 -5.83 9.34 -15.05
N ARG A 425 -6.85 9.98 -14.50
CA ARG A 425 -7.01 11.44 -14.57
C ARG A 425 -5.86 12.17 -13.88
N MET A 426 -5.45 11.66 -12.72
CA MET A 426 -4.34 12.24 -11.97
C MET A 426 -3.01 12.13 -12.71
N PHE A 427 -2.79 10.97 -13.32
CA PHE A 427 -1.59 10.73 -14.12
C PHE A 427 -1.56 11.67 -15.33
N ASP A 428 -2.74 11.92 -15.88
CA ASP A 428 -2.89 12.81 -17.05
C ASP A 428 -2.97 14.27 -16.56
N SER A 429 -1.85 14.75 -16.01
CA SER A 429 -1.77 16.10 -15.44
C SER A 429 -2.09 17.22 -16.43
N ASP A 430 -1.85 16.97 -17.71
CA ASP A 430 -2.16 17.95 -18.78
C ASP A 430 -3.61 17.96 -19.27
N ASN A 431 -4.43 17.10 -18.68
CA ASN A 431 -5.85 16.95 -19.05
C ASN A 431 -6.05 16.73 -20.56
N SER A 432 -5.09 16.06 -21.17
CA SER A 432 -5.13 15.74 -22.60
C SER A 432 -6.18 14.69 -22.94
N GLY A 433 -6.53 13.88 -21.95
CA GLY A 433 -7.49 12.78 -22.12
C GLY A 433 -6.82 11.50 -22.56
N LYS A 434 -5.50 11.58 -22.81
CA LYS A 434 -4.74 10.48 -23.42
C LYS A 434 -3.50 10.09 -22.62
N ILE A 435 -3.10 8.83 -22.78
CA ILE A 435 -1.80 8.33 -22.31
C ILE A 435 -0.98 7.87 -23.51
N SER A 436 0.24 8.38 -23.62
CA SER A 436 1.13 8.04 -24.75
C SER A 436 1.74 6.65 -24.63
N SER A 437 2.25 6.17 -25.75
CA SER A 437 2.86 4.83 -25.83
C SER A 437 4.08 4.74 -24.91
N THR A 438 4.84 5.82 -24.84
CA THR A 438 6.02 5.89 -23.96
C THR A 438 5.58 5.77 -22.51
N GLU A 439 4.50 6.46 -22.20
CA GLU A 439 3.94 6.48 -20.84
C GLU A 439 3.44 5.08 -20.46
N LEU A 440 2.81 4.39 -21.42
CA LEU A 440 2.34 3.02 -21.19
C LEU A 440 3.49 2.08 -20.90
N ALA A 441 4.60 2.28 -21.62
CA ALA A 441 5.82 1.51 -21.38
C ALA A 441 6.26 1.65 -19.92
N THR A 442 6.24 2.88 -19.42
CA THR A 442 6.64 3.16 -18.04
C THR A 442 5.69 2.49 -17.05
N ILE A 443 4.40 2.69 -17.30
CA ILE A 443 3.33 2.18 -16.43
C ILE A 443 3.35 0.65 -16.36
N PHE A 444 3.43 0.00 -17.52
CA PHE A 444 3.41 -1.46 -17.58
C PHE A 444 4.73 -2.06 -17.10
N GLY A 445 5.81 -1.30 -17.25
CA GLY A 445 7.11 -1.66 -16.69
C GLY A 445 7.03 -1.76 -15.17
N VAL A 446 6.48 -0.72 -14.55
CA VAL A 446 6.30 -0.68 -13.10
C VAL A 446 5.33 -1.78 -12.63
N SER A 447 4.31 -2.04 -13.45
CA SER A 447 3.34 -3.12 -13.21
C SER A 447 3.91 -4.49 -13.54
N ASP A 448 5.14 -4.49 -14.06
CA ASP A 448 5.85 -5.72 -14.43
C ASP A 448 5.05 -6.58 -15.42
N VAL A 449 4.35 -5.91 -16.32
CA VAL A 449 3.64 -6.58 -17.40
C VAL A 449 4.54 -6.67 -18.63
N ASP A 450 4.73 -7.90 -19.09
CA ASP A 450 5.59 -8.17 -20.23
C ASP A 450 5.36 -7.22 -21.42
N SER A 451 6.47 -6.72 -21.97
CA SER A 451 6.44 -5.67 -23.01
C SER A 451 5.69 -6.06 -24.28
N GLU A 452 6.09 -7.19 -24.87
CA GLU A 452 5.45 -7.66 -26.11
C GLU A 452 4.01 -8.15 -25.84
N THR A 453 3.70 -8.39 -24.58
CA THR A 453 2.34 -8.79 -24.17
C THR A 453 1.39 -7.60 -24.20
N TRP A 454 1.74 -6.52 -23.50
CA TRP A 454 0.88 -5.33 -23.49
C TRP A 454 0.83 -4.68 -24.86
N LYS A 455 1.97 -4.67 -25.55
CA LYS A 455 2.06 -4.16 -26.94
C LYS A 455 1.08 -4.91 -27.86
N SER A 456 1.02 -6.22 -27.67
CA SER A 456 0.10 -7.08 -28.41
C SER A 456 -1.35 -6.67 -28.16
N VAL A 457 -1.70 -6.46 -26.89
CA VAL A 457 -3.06 -6.07 -26.51
C VAL A 457 -3.37 -4.65 -27.00
N LEU A 458 -2.36 -3.79 -26.95
CA LEU A 458 -2.46 -2.43 -27.52
C LEU A 458 -2.74 -2.49 -29.01
N SER A 459 -2.09 -3.42 -29.70
CA SER A 459 -2.26 -3.59 -31.15
C SER A 459 -3.69 -3.98 -31.49
N GLU A 460 -4.27 -4.84 -30.66
CA GLU A 460 -5.64 -5.30 -30.86
C GLU A 460 -6.64 -4.15 -30.71
N VAL A 461 -6.34 -3.22 -29.79
CA VAL A 461 -7.22 -2.08 -29.50
C VAL A 461 -6.94 -0.84 -30.38
N ASP A 462 -5.66 -0.44 -30.45
CA ASP A 462 -5.22 0.75 -31.23
C ASP A 462 -4.97 0.42 -32.70
N LYS A 463 -6.05 0.20 -33.46
CA LYS A 463 -5.94 -0.14 -34.88
C LYS A 463 -5.69 1.08 -35.77
N ASN A 464 -5.63 2.26 -35.17
CA ASN A 464 -5.37 3.50 -35.92
C ASN A 464 -3.93 4.01 -35.86
N ASN A 465 -3.07 3.32 -35.10
CA ASN A 465 -1.64 3.69 -34.96
C ASN A 465 -1.43 5.10 -34.39
N ASP A 466 -2.30 5.50 -33.48
CA ASP A 466 -2.24 6.84 -32.88
C ASP A 466 -1.09 6.96 -31.89
N GLY A 467 -0.66 5.81 -31.36
CA GLY A 467 0.40 5.75 -30.37
C GLY A 467 -0.01 6.33 -29.04
N GLU A 468 -1.32 6.26 -28.76
CA GLU A 468 -1.86 6.75 -27.51
C GLU A 468 -3.24 6.15 -27.28
N VAL A 469 -3.68 6.18 -26.02
CA VAL A 469 -4.98 5.63 -25.63
C VAL A 469 -5.75 6.56 -24.68
N ASP A 470 -7.08 6.53 -24.78
CA ASP A 470 -7.95 7.22 -23.83
C ASP A 470 -8.31 6.30 -22.66
N PHE A 471 -9.08 6.81 -21.71
CA PHE A 471 -9.36 6.02 -20.52
C PHE A 471 -9.98 4.67 -20.89
N ASP A 472 -11.02 4.73 -21.71
CA ASP A 472 -11.79 3.55 -22.08
C ASP A 472 -10.93 2.50 -22.78
N GLU A 473 -10.11 2.96 -23.70
CA GLU A 473 -9.16 2.09 -24.42
C GLU A 473 -8.17 1.45 -23.44
N PHE A 474 -7.73 2.24 -22.48
CA PHE A 474 -6.80 1.79 -21.44
C PHE A 474 -7.46 0.70 -20.60
N GLN A 475 -8.68 0.97 -20.16
CA GLN A 475 -9.47 -0.01 -19.43
C GLN A 475 -9.56 -1.29 -20.23
N GLN A 476 -9.91 -1.15 -21.50
CA GLN A 476 -10.04 -2.29 -22.42
C GLN A 476 -8.79 -3.16 -22.37
N MET A 477 -7.62 -2.53 -22.46
CA MET A 477 -6.33 -3.25 -22.43
C MET A 477 -6.18 -4.09 -21.16
N LEU A 478 -6.52 -3.49 -20.03
CA LEU A 478 -6.39 -4.17 -18.73
C LEU A 478 -7.30 -5.38 -18.65
N LEU A 479 -8.51 -5.25 -19.21
CA LEU A 479 -9.47 -6.37 -19.26
C LEU A 479 -8.89 -7.49 -20.08
N LYS A 480 -8.23 -7.13 -21.17
CA LYS A 480 -7.62 -8.11 -22.06
C LYS A 480 -6.40 -8.78 -21.43
N LEU A 481 -5.74 -8.07 -20.51
CA LEU A 481 -4.54 -8.57 -19.84
C LEU A 481 -4.89 -9.40 -18.60
N CYS A 482 -6.18 -9.52 -18.29
CA CYS A 482 -6.64 -10.45 -17.27
C CYS A 482 -7.66 -11.44 -17.86
N GLY A 483 -7.40 -11.84 -19.10
CA GLY A 483 -8.13 -12.94 -19.74
C GLY A 483 -9.57 -12.62 -20.11
N ASN A 484 -9.87 -11.32 -20.25
CA ASN A 484 -11.19 -10.86 -20.69
C ASN A 484 -11.10 -10.06 -21.99
N1 BK7 B . -3.66 4.66 9.86
C2 BK7 B . -4.25 5.10 8.75
N3 BK7 B . -4.22 4.32 7.67
C4 BK7 B . -3.61 3.11 7.68
C5 BK7 B . -2.99 2.62 8.83
C6 BK7 B . -3.03 3.45 9.96
CAA BK7 B . 2.75 -4.25 14.39
NAB BK7 B . -2.49 3.10 11.11
CAC BK7 B . -1.37 -2.36 13.14
CAD BK7 B . -0.53 0.05 8.83
CAE BK7 B . -2.11 -1.46 12.38
CAF BK7 B . 0.21 -0.87 9.58
CAH BK7 B . 0.42 -2.27 11.54
CAI BK7 B . -2.32 -0.06 10.44
CAJ BK7 B . 2.02 -3.62 13.22
CAK BK7 B . -3.19 4.45 2.24
CAL BK7 B . -1.08 3.81 3.23
CAM BK7 B . -3.98 3.56 3.20
CAN BK7 B . -1.79 3.10 4.40
CAO BK7 B . -3.97 2.31 5.36
NAR BK7 B . -2.84 1.19 7.17
NAS BK7 B . -1.90 3.77 2.00
OAT BK7 B . 0.60 -3.67 13.47
CAU BK7 B . -0.10 -2.78 12.72
CAV BK7 B . -1.80 0.46 9.25
CAX BK7 B . -2.51 1.36 8.46
CAY BK7 B . -0.31 -1.37 10.76
CAZ BK7 B . -1.58 -0.97 11.19
CBC BK7 B . -3.28 3.44 4.56
NBD BK7 B . -3.45 2.18 6.75
#